data_8V9V
#
_entry.id   8V9V
#
_cell.length_a   28.302
_cell.length_b   104.117
_cell.length_c   131.520
_cell.angle_alpha   90.000
_cell.angle_beta   90.000
_cell.angle_gamma   90.000
#
_symmetry.space_group_name_H-M   'I 21 21 21'
#
loop_
_entity.id
_entity.type
_entity.pdbx_description
1 polymer 'Pilus assembly protein'
2 water water
#
_entity_poly.entity_id   1
_entity_poly.type   'polypeptide(L)'
_entity_poly.pdbx_seq_one_letter_code
;GCRTTASLNITDGINVGEILANETSFSKSVVFTGISCDTSTDKIVYKNIQSDWVEVGPFGNGEKLKVKIESLGKTSDTIG
KSSNAQAVLPYVVKIARGTPDFTGERKSTWFISDTVIANIGGESSSSIDFWLGICKALKFNWCVNYLTSKLAGDTFTLGL
NISYYPKNTTHHHHHH
;
_entity_poly.pdbx_strand_id   A
#
# COMPACT_ATOMS: atom_id res chain seq x y z
N GLY A 1 -13.08 -19.77 -6.24
CA GLY A 1 -13.29 -18.40 -5.69
C GLY A 1 -12.83 -18.28 -4.25
N CYS A 2 -12.53 -17.05 -3.83
CA CYS A 2 -12.03 -16.78 -2.50
C CYS A 2 -12.89 -15.73 -1.83
N ARG A 3 -12.94 -15.80 -0.49
CA ARG A 3 -13.56 -14.78 0.33
C ARG A 3 -12.70 -14.59 1.56
N THR A 4 -12.96 -13.50 2.28
CA THR A 4 -12.24 -13.23 3.53
C THR A 4 -13.24 -12.70 4.55
N THR A 5 -13.00 -13.08 5.81
CA THR A 5 -13.77 -12.57 6.94
C THR A 5 -12.90 -11.76 7.91
N ALA A 6 -11.68 -11.43 7.51
CA ALA A 6 -10.81 -10.57 8.29
C ALA A 6 -10.89 -9.15 7.78
N SER A 7 -10.24 -8.23 8.49
CA SER A 7 -10.26 -6.83 8.10
C SER A 7 -9.62 -6.68 6.72
N LEU A 8 -10.28 -5.92 5.85
CA LEU A 8 -9.76 -5.68 4.51
C LEU A 8 -8.81 -4.50 4.46
N ASN A 9 -8.95 -3.53 5.36
CA ASN A 9 -8.20 -2.28 5.32
C ASN A 9 -7.19 -2.28 6.46
N ILE A 10 -5.97 -2.69 6.14
CA ILE A 10 -4.89 -2.75 7.12
C ILE A 10 -4.13 -1.44 7.10
N THR A 11 -3.75 -0.96 8.28
CA THR A 11 -2.90 0.21 8.42
C THR A 11 -1.66 -0.19 9.19
N ASP A 12 -0.50 0.19 8.67
CA ASP A 12 0.77 -0.01 9.35
C ASP A 12 1.46 1.34 9.49
N GLY A 13 2.52 1.36 10.30
CA GLY A 13 3.23 2.59 10.60
C GLY A 13 4.71 2.45 10.40
N ILE A 14 5.33 3.52 9.92
CA ILE A 14 6.78 3.62 9.77
C ILE A 14 7.24 4.84 10.54
N ASN A 15 8.07 4.61 11.55
CA ASN A 15 8.65 5.70 12.33
C ASN A 15 10.03 6.01 11.75
N VAL A 16 10.13 7.14 11.05
CA VAL A 16 11.37 7.50 10.38
C VAL A 16 12.31 8.16 11.38
N GLY A 17 13.47 7.57 11.59
CA GLY A 17 14.47 8.17 12.44
C GLY A 17 15.24 9.26 11.71
N GLU A 18 15.62 10.28 12.47
CA GLU A 18 16.34 11.42 11.90
C GLU A 18 17.76 10.98 11.56
N ILE A 19 18.05 10.91 10.26
CA ILE A 19 19.39 10.57 9.79
C ILE A 19 19.81 11.62 8.77
N LEU A 20 21.12 11.68 8.51
CA LEU A 20 21.63 12.71 7.63
C LEU A 20 21.42 12.36 6.15
N ALA A 21 21.41 11.08 5.80
CA ALA A 21 21.21 10.73 4.40
C ALA A 21 19.83 11.21 3.94
N ASN A 22 19.75 11.56 2.67
CA ASN A 22 18.50 12.06 2.11
C ASN A 22 17.57 10.95 1.64
N GLU A 23 17.96 9.69 1.80
CA GLU A 23 17.12 8.56 1.40
C GLU A 23 17.32 7.42 2.37
N THR A 24 16.27 6.61 2.53
CA THR A 24 16.32 5.45 3.41
C THR A 24 15.30 4.43 2.94
N SER A 25 15.49 3.19 3.39
CA SER A 25 14.66 2.08 2.98
C SER A 25 14.19 1.30 4.18
N PHE A 26 12.97 0.77 4.07
CA PHE A 26 12.37 -0.07 5.11
C PHE A 26 11.88 -1.34 4.44
N SER A 27 12.40 -2.48 4.89
CA SER A 27 11.91 -3.78 4.44
C SER A 27 10.79 -4.19 5.38
N LYS A 28 9.57 -4.25 4.86
CA LYS A 28 8.41 -4.61 5.67
C LYS A 28 7.66 -5.75 4.99
N SER A 29 6.62 -6.22 5.66
CA SER A 29 5.72 -7.21 5.09
C SER A 29 4.33 -6.97 5.66
N VAL A 30 3.31 -7.37 4.90
CA VAL A 30 1.93 -7.26 5.31
C VAL A 30 1.28 -8.62 5.14
N VAL A 31 0.45 -9.01 6.12
CA VAL A 31 -0.20 -10.32 6.14
C VAL A 31 -1.69 -10.12 5.95
N PHE A 32 -2.24 -10.75 4.91
CA PHE A 32 -3.66 -10.79 4.65
C PHE A 32 -4.20 -12.10 5.19
N THR A 33 -5.18 -12.02 6.08
CA THR A 33 -5.64 -13.14 6.88
C THR A 33 -7.10 -13.48 6.56
N GLY A 34 -7.58 -14.55 7.19
CA GLY A 34 -8.97 -14.93 7.09
C GLY A 34 -9.43 -15.36 5.72
N ILE A 35 -8.53 -15.88 4.89
CA ILE A 35 -8.83 -16.19 3.51
C ILE A 35 -9.35 -17.62 3.41
N SER A 36 -10.41 -17.79 2.61
CA SER A 36 -10.99 -19.10 2.33
C SER A 36 -11.19 -19.21 0.84
N CYS A 37 -10.53 -20.20 0.22
CA CYS A 37 -10.65 -20.48 -1.20
C CYS A 37 -11.03 -21.95 -1.39
N ASP A 38 -11.79 -22.23 -2.45
CA ASP A 38 -12.32 -23.57 -2.69
C ASP A 38 -11.78 -24.24 -3.95
N THR A 39 -10.94 -23.58 -4.72
CA THR A 39 -10.42 -24.13 -5.98
C THR A 39 -8.90 -24.13 -5.97
N SER A 40 -8.32 -25.16 -6.58
CA SER A 40 -6.88 -25.34 -6.54
C SER A 40 -6.13 -24.22 -7.25
N THR A 41 -6.76 -23.60 -8.25
CA THR A 41 -6.15 -22.52 -9.00
C THR A 41 -6.37 -21.15 -8.37
N ASP A 42 -7.19 -21.06 -7.31
CA ASP A 42 -7.46 -19.79 -6.68
C ASP A 42 -6.15 -19.14 -6.23
N LYS A 43 -6.03 -17.83 -6.48
CA LYS A 43 -4.80 -17.11 -6.18
C LYS A 43 -5.13 -15.72 -5.66
N ILE A 44 -4.13 -15.12 -5.01
CA ILE A 44 -4.17 -13.74 -4.55
C ILE A 44 -3.18 -12.96 -5.40
N VAL A 45 -3.62 -11.82 -5.93
CA VAL A 45 -2.83 -11.01 -6.84
C VAL A 45 -2.47 -9.71 -6.14
N TYR A 46 -1.17 -9.46 -5.97
CA TYR A 46 -0.70 -8.24 -5.34
C TYR A 46 -0.45 -7.17 -6.39
N LYS A 47 -0.56 -5.92 -5.97
CA LYS A 47 -0.30 -4.80 -6.87
C LYS A 47 0.23 -3.63 -6.07
N ASN A 48 1.34 -3.07 -6.54
CA ASN A 48 1.88 -1.82 -6.03
C ASN A 48 1.16 -0.67 -6.71
N ILE A 49 0.47 0.17 -5.93
CA ILE A 49 -0.28 1.29 -6.46
C ILE A 49 0.34 2.62 -6.06
N GLN A 50 1.61 2.60 -5.64
CA GLN A 50 2.32 3.83 -5.29
C GLN A 50 3.79 3.65 -5.65
N SER A 51 4.07 3.32 -6.92
CA SER A 51 5.43 3.11 -7.36
C SER A 51 6.20 4.40 -7.56
N ASP A 52 5.50 5.54 -7.61
CA ASP A 52 6.12 6.84 -7.75
C ASP A 52 5.97 7.62 -6.46
N TRP A 53 6.82 8.65 -6.31
CA TRP A 53 6.84 9.43 -5.08
C TRP A 53 5.49 10.04 -4.79
N VAL A 54 5.09 9.99 -3.52
CA VAL A 54 4.02 10.81 -2.99
C VAL A 54 4.58 11.56 -1.79
N GLU A 55 4.29 12.85 -1.69
CA GLU A 55 4.87 13.70 -0.67
C GLU A 55 3.92 13.83 0.51
N VAL A 56 4.48 13.77 1.72
CA VAL A 56 3.74 13.95 2.96
C VAL A 56 4.45 15.01 3.79
N GLY A 57 3.70 15.60 4.73
CA GLY A 57 4.20 16.67 5.55
C GLY A 57 3.35 17.91 5.38
N PRO A 58 3.78 19.03 5.98
CA PRO A 58 5.02 19.23 6.74
C PRO A 58 5.03 18.58 8.11
N PHE A 59 6.21 18.21 8.59
CA PHE A 59 6.37 17.62 9.91
C PHE A 59 6.70 18.73 10.92
N GLY A 60 7.13 18.35 12.12
CA GLY A 60 7.27 19.32 13.20
C GLY A 60 8.15 20.50 12.85
N ASN A 61 9.15 20.31 12.01
CA ASN A 61 10.11 21.36 11.67
C ASN A 61 9.92 21.91 10.26
N GLY A 62 8.81 21.61 9.61
CA GLY A 62 8.57 22.07 8.25
C GLY A 62 9.10 21.16 7.18
N GLU A 63 9.87 20.14 7.53
CA GLU A 63 10.34 19.19 6.54
C GLU A 63 9.18 18.40 5.96
N LYS A 64 9.33 17.98 4.71
CA LYS A 64 8.41 17.06 4.06
C LYS A 64 9.20 15.87 3.57
N LEU A 65 8.53 14.74 3.46
CA LEU A 65 9.15 13.50 3.01
C LEU A 65 8.47 13.02 1.74
N LYS A 66 9.22 12.30 0.92
CA LYS A 66 8.70 11.62 -0.27
C LYS A 66 8.73 10.12 0.01
N VAL A 67 7.64 9.42 -0.33
CA VAL A 67 7.50 8.01 -0.02
C VAL A 67 7.02 7.28 -1.26
N LYS A 68 7.56 6.08 -1.48
CA LYS A 68 7.13 5.23 -2.57
C LYS A 68 7.35 3.78 -2.18
N ILE A 69 6.52 2.90 -2.75
CA ILE A 69 6.73 1.46 -2.61
C ILE A 69 7.78 1.08 -3.65
N GLU A 70 9.02 0.89 -3.20
CA GLU A 70 10.13 0.65 -4.13
C GLU A 70 9.91 -0.63 -4.92
N SER A 71 9.65 -1.73 -4.23
CA SER A 71 9.48 -3.00 -4.91
C SER A 71 8.70 -3.96 -4.03
N LEU A 72 8.09 -4.95 -4.68
CA LEU A 72 7.40 -6.05 -4.01
C LEU A 72 8.26 -7.31 -4.10
N GLY A 73 8.06 -8.22 -3.15
CA GLY A 73 8.75 -9.49 -3.21
C GLY A 73 8.08 -10.48 -4.15
N LYS A 74 6.77 -10.37 -4.33
CA LYS A 74 6.02 -11.26 -5.20
C LYS A 74 4.96 -10.46 -5.95
N THR A 75 4.40 -11.08 -6.99
CA THR A 75 3.28 -10.51 -7.72
C THR A 75 1.98 -11.25 -7.48
N SER A 76 2.04 -12.50 -7.04
CA SER A 76 0.84 -13.28 -6.78
C SER A 76 1.24 -14.50 -5.97
N ASP A 77 0.23 -15.21 -5.47
CA ASP A 77 0.45 -16.42 -4.70
C ASP A 77 -0.75 -17.34 -4.91
N THR A 78 -0.46 -18.60 -5.25
CA THR A 78 -1.52 -19.60 -5.41
C THR A 78 -1.99 -20.04 -4.04
N ILE A 79 -3.26 -19.76 -3.73
CA ILE A 79 -3.81 -20.15 -2.44
C ILE A 79 -4.34 -21.59 -2.48
N GLY A 80 -4.92 -21.99 -3.60
CA GLY A 80 -5.49 -23.31 -3.72
C GLY A 80 -6.65 -23.52 -2.75
N LYS A 81 -7.08 -24.77 -2.66
CA LYS A 81 -8.15 -25.16 -1.76
C LYS A 81 -7.67 -25.03 -0.33
N SER A 82 -8.12 -23.98 0.35
CA SER A 82 -7.76 -23.76 1.75
C SER A 82 -8.85 -22.94 2.41
N SER A 83 -9.30 -23.37 3.58
CA SER A 83 -10.41 -22.73 4.27
C SER A 83 -9.97 -21.73 5.33
N ASN A 84 -8.69 -21.72 5.72
CA ASN A 84 -8.17 -20.80 6.72
C ASN A 84 -6.75 -20.43 6.31
N ALA A 85 -6.64 -19.71 5.19
CA ALA A 85 -5.36 -19.39 4.59
C ALA A 85 -4.93 -17.96 4.93
N GLN A 86 -3.68 -17.65 4.59
CA GLN A 86 -3.15 -16.31 4.73
C GLN A 86 -2.11 -16.10 3.64
N ALA A 87 -1.83 -14.83 3.35
CA ALA A 87 -0.86 -14.46 2.34
C ALA A 87 0.07 -13.39 2.92
N VAL A 88 1.36 -13.66 2.90
CA VAL A 88 2.37 -12.73 3.39
C VAL A 88 3.04 -12.09 2.19
N LEU A 89 2.92 -10.77 2.07
CA LEU A 89 3.53 -10.04 0.98
C LEU A 89 4.63 -9.15 1.54
N PRO A 90 5.90 -9.39 1.19
CA PRO A 90 6.95 -8.45 1.57
C PRO A 90 7.10 -7.33 0.55
N TYR A 91 7.47 -6.16 1.06
CA TYR A 91 7.65 -4.99 0.22
C TYR A 91 8.73 -4.11 0.82
N VAL A 92 9.22 -3.17 0.00
CA VAL A 92 10.25 -2.23 0.41
C VAL A 92 9.72 -0.82 0.21
N VAL A 93 9.78 -0.02 1.26
CA VAL A 93 9.35 1.37 1.24
C VAL A 93 10.59 2.24 1.18
N LYS A 94 10.69 3.08 0.17
CA LYS A 94 11.76 4.06 0.08
C LYS A 94 11.22 5.41 0.52
N ILE A 95 11.96 6.10 1.38
CA ILE A 95 11.56 7.41 1.90
C ILE A 95 12.71 8.38 1.68
N ALA A 96 12.41 9.52 1.05
CA ALA A 96 13.41 10.53 0.75
C ALA A 96 12.93 11.89 1.24
N ARG A 97 13.85 12.84 1.31
CA ARG A 97 13.50 14.20 1.69
C ARG A 97 12.74 14.87 0.54
N GLY A 98 11.70 15.62 0.90
CA GLY A 98 10.92 16.37 -0.04
C GLY A 98 11.16 17.87 0.07
N THR A 99 10.33 18.62 -0.64
CA THR A 99 10.41 20.08 -0.57
C THR A 99 9.80 20.56 0.73
N PRO A 100 10.53 21.36 1.52
CA PRO A 100 9.99 21.78 2.82
C PRO A 100 8.86 22.78 2.67
N ASP A 101 7.96 22.77 3.66
CA ASP A 101 6.83 23.68 3.71
C ASP A 101 6.73 24.27 5.10
N PHE A 102 7.13 25.53 5.24
CA PHE A 102 7.11 26.20 6.53
C PHE A 102 5.80 26.92 6.80
N THR A 103 4.85 26.89 5.86
CA THR A 103 3.59 27.61 6.01
C THR A 103 2.41 26.70 6.34
N GLY A 104 2.43 25.43 5.90
CA GLY A 104 1.30 24.57 6.12
C GLY A 104 1.18 24.09 7.55
N GLU A 105 0.00 23.56 7.88
CA GLU A 105 -0.18 22.93 9.18
C GLU A 105 0.76 21.73 9.30
N ARG A 106 1.40 21.62 10.45
CA ARG A 106 2.40 20.58 10.68
C ARG A 106 1.81 19.47 11.55
N LYS A 107 2.09 18.23 11.17
CA LYS A 107 1.68 17.06 11.92
C LYS A 107 2.86 16.10 12.05
N SER A 108 2.91 15.38 13.17
CA SER A 108 3.96 14.40 13.38
C SER A 108 3.72 13.11 12.61
N THR A 109 2.48 12.84 12.21
CA THR A 109 2.14 11.61 11.50
C THR A 109 1.22 11.94 10.33
N TRP A 110 1.53 11.35 9.17
CA TRP A 110 0.76 11.58 7.94
C TRP A 110 0.39 10.25 7.31
N PHE A 111 -0.86 10.12 6.89
CA PHE A 111 -1.39 8.89 6.34
C PHE A 111 -1.27 8.86 4.82
N ILE A 112 -0.79 7.74 4.29
CA ILE A 112 -0.76 7.48 2.86
C ILE A 112 -1.68 6.29 2.60
N SER A 113 -2.76 6.52 1.86
CA SER A 113 -3.75 5.46 1.65
C SER A 113 -3.36 4.52 0.53
N ASP A 114 -2.60 5.01 -0.45
CA ASP A 114 -2.21 4.21 -1.61
C ASP A 114 -0.80 3.68 -1.40
N THR A 115 -0.69 2.37 -1.23
CA THR A 115 0.61 1.71 -1.14
C THR A 115 0.54 0.39 -1.89
N VAL A 116 -0.22 -0.56 -1.35
CA VAL A 116 -0.29 -1.91 -1.89
C VAL A 116 -1.73 -2.42 -1.73
N ILE A 117 -2.15 -3.24 -2.68
CA ILE A 117 -3.44 -3.92 -2.60
C ILE A 117 -3.24 -5.38 -2.99
N ALA A 118 -4.20 -6.21 -2.58
CA ALA A 118 -4.16 -7.64 -2.85
C ALA A 118 -5.58 -8.11 -3.12
N ASN A 119 -5.85 -8.52 -4.36
CA ASN A 119 -7.18 -8.97 -4.76
C ASN A 119 -7.26 -10.48 -4.71
N ILE A 120 -8.38 -10.98 -4.18
CA ILE A 120 -8.68 -12.41 -4.16
C ILE A 120 -10.02 -12.69 -4.82
N GLY A 121 -10.49 -11.77 -5.66
CA GLY A 121 -11.75 -11.96 -6.35
C GLY A 121 -11.56 -12.37 -7.79
N GLY A 122 -10.38 -12.91 -8.11
CA GLY A 122 -10.13 -13.39 -9.46
C GLY A 122 -9.73 -12.35 -10.46
N GLU A 123 -9.40 -11.14 -10.02
CA GLU A 123 -8.91 -10.12 -10.93
C GLU A 123 -7.46 -10.40 -11.31
N SER A 124 -7.15 -10.23 -12.59
CA SER A 124 -5.79 -10.39 -13.05
C SER A 124 -4.99 -9.11 -12.79
N SER A 125 -3.67 -9.22 -12.90
CA SER A 125 -2.82 -8.04 -12.80
C SER A 125 -3.16 -7.03 -13.88
N SER A 126 -3.53 -7.50 -15.07
CA SER A 126 -3.86 -6.58 -16.16
C SER A 126 -5.12 -5.78 -15.84
N SER A 127 -6.11 -6.42 -15.21
CA SER A 127 -7.34 -5.71 -14.85
C SER A 127 -7.06 -4.63 -13.81
N ILE A 128 -6.26 -4.96 -12.79
CA ILE A 128 -5.92 -3.96 -11.79
C ILE A 128 -5.12 -2.84 -12.42
N ASP A 129 -4.19 -3.16 -13.32
CA ASP A 129 -3.44 -2.12 -14.02
C ASP A 129 -4.37 -1.21 -14.81
N PHE A 130 -5.35 -1.80 -15.51
CA PHE A 130 -6.29 -1.02 -16.29
C PHE A 130 -7.07 -0.07 -15.40
N TRP A 131 -7.61 -0.58 -14.30
CA TRP A 131 -8.42 0.27 -13.43
C TRP A 131 -7.57 1.34 -12.75
N LEU A 132 -6.32 1.03 -12.42
CA LEU A 132 -5.43 2.05 -11.86
C LEU A 132 -5.14 3.14 -12.88
N GLY A 133 -4.88 2.75 -14.14
CA GLY A 133 -4.69 3.74 -15.17
C GLY A 133 -5.90 4.63 -15.37
N ILE A 134 -7.09 4.02 -15.34
CA ILE A 134 -8.32 4.81 -15.39
C ILE A 134 -8.35 5.81 -14.24
N CYS A 135 -8.10 5.33 -13.01
CA CYS A 135 -8.10 6.21 -11.85
C CYS A 135 -7.16 7.38 -12.04
N LYS A 136 -5.94 7.11 -12.53
CA LYS A 136 -4.99 8.19 -12.77
C LYS A 136 -5.52 9.17 -13.80
N ALA A 137 -6.11 8.65 -14.89
CA ALA A 137 -6.65 9.53 -15.93
C ALA A 137 -7.74 10.44 -15.36
N LEU A 138 -8.58 9.90 -14.48
CA LEU A 138 -9.66 10.68 -13.88
C LEU A 138 -9.17 11.66 -12.82
N LYS A 139 -7.86 11.70 -12.56
CA LYS A 139 -7.26 12.69 -11.68
C LYS A 139 -7.80 12.60 -10.25
N PHE A 140 -8.04 11.37 -9.79
CA PHE A 140 -8.37 11.16 -8.38
C PHE A 140 -7.15 11.45 -7.52
N ASN A 141 -7.36 12.14 -6.40
CA ASN A 141 -6.25 12.39 -5.48
C ASN A 141 -5.67 11.07 -4.96
N TRP A 142 -6.54 10.12 -4.62
CA TRP A 142 -6.13 8.80 -4.19
C TRP A 142 -6.95 7.76 -4.96
N CYS A 143 -6.41 6.55 -5.05
CA CYS A 143 -6.99 5.51 -5.89
C CYS A 143 -7.40 4.25 -5.16
N VAL A 144 -7.09 4.11 -3.87
CA VAL A 144 -7.35 2.85 -3.18
C VAL A 144 -8.85 2.56 -3.14
N ASN A 145 -9.65 3.55 -2.78
CA ASN A 145 -11.09 3.32 -2.66
C ASN A 145 -11.73 3.11 -4.02
N TYR A 146 -11.32 3.88 -5.02
CA TYR A 146 -11.84 3.67 -6.37
C TYR A 146 -11.49 2.27 -6.87
N LEU A 147 -10.27 1.80 -6.58
CA LEU A 147 -9.86 0.48 -7.03
C LEU A 147 -10.64 -0.61 -6.32
N THR A 148 -10.88 -0.45 -5.01
CA THR A 148 -11.66 -1.46 -4.30
C THR A 148 -13.11 -1.44 -4.77
N SER A 149 -13.61 -0.29 -5.21
CA SER A 149 -14.97 -0.23 -5.72
C SER A 149 -15.09 -0.83 -7.13
N LYS A 150 -14.04 -0.74 -7.93
CA LYS A 150 -14.09 -1.25 -9.30
C LYS A 150 -13.67 -2.71 -9.41
N LEU A 151 -12.87 -3.21 -8.47
CA LEU A 151 -12.39 -4.58 -8.54
C LEU A 151 -13.40 -5.55 -7.93
N ALA A 152 -13.56 -6.69 -8.58
CA ALA A 152 -14.53 -7.68 -8.14
C ALA A 152 -14.04 -8.41 -6.89
N GLY A 153 -14.99 -8.85 -6.08
CA GLY A 153 -14.64 -9.63 -4.90
C GLY A 153 -14.01 -8.78 -3.82
N ASP A 154 -13.17 -9.42 -3.02
CA ASP A 154 -12.52 -8.81 -1.87
C ASP A 154 -11.14 -8.32 -2.26
N THR A 155 -10.78 -7.13 -1.77
CA THR A 155 -9.50 -6.51 -2.05
C THR A 155 -8.92 -5.99 -0.74
N PHE A 156 -7.90 -6.67 -0.23
CA PHE A 156 -7.13 -6.13 0.87
C PHE A 156 -6.42 -4.85 0.41
N THR A 157 -6.40 -3.86 1.29
CA THR A 157 -5.68 -2.61 1.05
C THR A 157 -4.75 -2.34 2.22
N LEU A 158 -3.59 -1.76 1.94
CA LEU A 158 -2.66 -1.35 2.98
C LEU A 158 -2.53 0.17 2.96
N GLY A 159 -2.58 0.78 4.14
CA GLY A 159 -2.24 2.18 4.31
C GLY A 159 -1.07 2.30 5.24
N LEU A 160 -0.30 3.38 5.09
CA LEU A 160 0.92 3.57 5.85
C LEU A 160 0.88 4.91 6.56
N ASN A 161 1.04 4.90 7.88
CA ASN A 161 1.23 6.11 8.66
C ASN A 161 2.73 6.39 8.75
N ILE A 162 3.15 7.54 8.22
CA ILE A 162 4.55 7.96 8.23
C ILE A 162 4.75 8.95 9.37
N SER A 163 5.66 8.62 10.28
CA SER A 163 5.98 9.45 11.43
C SER A 163 7.44 9.90 11.33
N TYR A 164 7.70 11.13 11.76
CA TYR A 164 9.03 11.72 11.67
C TYR A 164 9.10 12.84 12.70
N TYR A 165 10.07 12.74 13.61
CA TYR A 165 10.19 13.66 14.74
C TYR A 165 11.56 14.33 14.72
N PRO A 166 11.81 15.22 13.77
CA PRO A 166 13.08 15.97 13.76
C PRO A 166 13.11 17.03 14.85
N LYS A 167 14.30 17.24 15.40
CA LYS A 167 14.50 18.23 16.46
C LYS A 167 14.71 19.63 15.89
#